data_2IF0
#
_entry.id   2IF0
#
_cell.length_a   54.960
_cell.length_b   64.755
_cell.length_c   153.327
_cell.angle_alpha   90.00
_cell.angle_beta   90.00
_cell.angle_gamma   90.00
#
_symmetry.space_group_name_H-M   'P 21 21 21'
#
loop_
_entity.id
_entity.type
_entity.pdbx_description
1 polymer 'Ras-related protein Rab-27B'
2 non-polymer 'MAGNESIUM ION'
3 non-polymer "GUANOSINE-5'-DIPHOSPHATE"
4 water water
#
_entity_poly.entity_id   1
_entity_poly.type   'polypeptide(L)'
_entity_poly.pdbx_seq_one_letter_code
;GSMTDGDYDYLIKLLALGDSGVGKTTFLYRYTDNKFNPKFITTVGIDFREKRVVYDTQGADGASGKAFKVHLQLWDTAGL
ERFRSLTTAFFRDAMGFLLMFDLTSQQSFLNVRNWMSQLQANAYCENPDIVLIGNKADLPDQREVNERQARELAEKYGIP
YFETSAATGQNVEKSVETLLDLIMKRMEKCVEKTQVPDTV
;
_entity_poly.pdbx_strand_id   A,B
#
loop_
_chem_comp.id
_chem_comp.type
_chem_comp.name
_chem_comp.formula
GDP RNA linking GUANOSINE-5'-DIPHOSPHATE 'C10 H15 N5 O11 P2'
MG non-polymer 'MAGNESIUM ION' 'Mg 2'
#
# COMPACT_ATOMS: atom_id res chain seq x y z
N TYR A 8 -7.03 -22.78 -28.00
CA TYR A 8 -7.65 -21.41 -27.93
C TYR A 8 -6.87 -20.33 -28.70
N ASP A 9 -7.52 -19.18 -28.89
CA ASP A 9 -6.95 -18.06 -29.66
C ASP A 9 -6.45 -16.86 -28.82
N TYR A 10 -6.92 -16.73 -27.58
CA TYR A 10 -6.62 -15.55 -26.77
C TYR A 10 -6.61 -15.79 -25.26
N LEU A 11 -5.68 -15.11 -24.59
CA LEU A 11 -5.65 -15.11 -23.12
C LEU A 11 -5.98 -13.72 -22.59
N ILE A 12 -7.20 -13.57 -22.08
CA ILE A 12 -7.65 -12.28 -21.55
C ILE A 12 -7.57 -12.28 -20.03
N LYS A 13 -6.77 -11.36 -19.49
CA LYS A 13 -6.54 -11.23 -18.04
C LYS A 13 -7.51 -10.23 -17.39
N LEU A 14 -8.25 -10.72 -16.41
CA LEU A 14 -9.19 -9.89 -15.66
C LEU A 14 -8.79 -9.85 -14.20
N LEU A 15 -9.13 -8.75 -13.53
CA LEU A 15 -8.82 -8.54 -12.11
C LEU A 15 -10.06 -8.24 -11.30
N ALA A 16 -10.16 -8.84 -10.12
CA ALA A 16 -11.19 -8.46 -9.14
C ALA A 16 -10.62 -7.46 -8.14
N LEU A 17 -11.16 -6.25 -8.14
CA LEU A 17 -10.74 -5.21 -7.21
C LEU A 17 -11.91 -4.90 -6.29
N GLY A 18 -11.63 -4.20 -5.19
CA GLY A 18 -12.66 -3.80 -4.23
C GLY A 18 -12.28 -4.13 -2.80
N ASP A 19 -12.94 -3.45 -1.86
CA ASP A 19 -12.75 -3.68 -0.41
C ASP A 19 -12.84 -5.14 0.04
N SER A 20 -12.38 -5.41 1.25
CA SER A 20 -12.53 -6.73 1.85
C SER A 20 -14.00 -7.01 2.16
N GLY A 21 -14.41 -8.26 1.97
CA GLY A 21 -15.76 -8.69 2.33
C GLY A 21 -16.81 -8.23 1.34
N VAL A 22 -16.35 -7.65 0.24
CA VAL A 22 -17.22 -7.17 -0.82
C VAL A 22 -17.79 -8.33 -1.62
N GLY A 23 -17.01 -9.40 -1.76
CA GLY A 23 -17.47 -10.62 -2.41
C GLY A 23 -16.68 -11.05 -3.63
N LYS A 24 -15.46 -10.51 -3.77
CA LYS A 24 -14.62 -10.78 -4.94
C LYS A 24 -14.36 -12.27 -5.14
N THR A 25 -13.88 -12.94 -4.08
CA THR A 25 -13.56 -14.35 -4.12
C THR A 25 -14.81 -15.21 -4.37
N THR A 26 -15.94 -14.83 -3.75
CA THR A 26 -17.18 -15.59 -3.94
C THR A 26 -17.76 -15.38 -5.34
N PHE A 27 -17.62 -14.15 -5.86
CA PHE A 27 -18.07 -13.79 -7.20
C PHE A 27 -17.31 -14.59 -8.24
N LEU A 28 -15.98 -14.66 -8.08
CA LEU A 28 -15.11 -15.36 -9.02
C LEU A 28 -15.38 -16.85 -9.07
N TYR A 29 -15.63 -17.43 -7.91
CA TYR A 29 -15.90 -18.86 -7.80
C TYR A 29 -17.29 -19.19 -8.34
N ARG A 30 -18.23 -18.28 -8.13
CA ARG A 30 -19.56 -18.43 -8.68
C ARG A 30 -19.51 -18.49 -10.20
N TYR A 31 -18.72 -17.62 -10.81
CA TYR A 31 -18.65 -17.51 -12.27
C TYR A 31 -17.83 -18.63 -12.90
N THR A 32 -16.75 -18.99 -12.22
CA THR A 32 -15.80 -19.97 -12.74
C THR A 32 -16.45 -21.34 -12.93
N ASP A 33 -17.03 -21.88 -11.86
CA ASP A 33 -17.58 -23.23 -11.90
C ASP A 33 -16.52 -24.26 -12.34
N ASN A 34 -15.33 -24.16 -11.73
CA ASN A 34 -14.34 -25.24 -11.64
C ASN A 34 -13.48 -25.00 -10.39
N LYS A 35 -12.51 -25.88 -10.13
CA LYS A 35 -11.70 -25.75 -8.90
C LYS A 35 -10.25 -25.30 -9.09
N PHE A 36 -9.81 -25.14 -10.35
CA PHE A 36 -8.45 -24.71 -10.67
C PHE A 36 -8.15 -23.29 -10.20
N ASN A 37 -7.36 -23.18 -9.14
CA ASN A 37 -7.06 -21.90 -8.52
C ASN A 37 -5.66 -21.81 -7.88
N PRO A 38 -4.61 -21.80 -8.72
CA PRO A 38 -3.24 -21.78 -8.20
C PRO A 38 -2.91 -20.51 -7.44
N LYS A 39 -2.26 -20.67 -6.29
CA LYS A 39 -2.02 -19.57 -5.37
C LYS A 39 -0.53 -19.23 -5.24
N PHE A 40 -0.24 -17.95 -5.04
CA PHE A 40 1.12 -17.47 -4.82
C PHE A 40 1.10 -16.60 -3.58
N ILE A 41 1.55 -17.15 -2.46
CA ILE A 41 1.57 -16.41 -1.20
C ILE A 41 2.98 -15.97 -0.78
N THR A 42 3.05 -14.89 0.00
CA THR A 42 4.30 -14.45 0.60
C THR A 42 4.02 -13.99 2.03
N THR A 43 5.06 -13.88 2.83
CA THR A 43 4.93 -13.35 4.18
C THR A 43 5.39 -11.91 4.22
N VAL A 44 4.61 -11.07 4.87
CA VAL A 44 4.98 -9.70 5.18
C VAL A 44 4.76 -9.48 6.67
N GLY A 45 5.53 -8.56 7.26
CA GLY A 45 5.42 -8.34 8.68
C GLY A 45 5.89 -7.00 9.18
N ILE A 46 5.57 -6.72 10.43
CA ILE A 46 6.16 -5.62 11.16
C ILE A 46 6.88 -6.13 12.43
N ASP A 47 7.69 -5.26 13.04
CA ASP A 47 8.37 -5.61 14.28
C ASP A 47 8.88 -4.36 14.98
N PHE A 48 9.51 -4.54 16.14
CA PHE A 48 10.18 -3.45 16.83
C PHE A 48 11.40 -3.88 17.64
N ARG A 49 12.18 -2.89 18.06
CA ARG A 49 13.29 -3.10 18.98
C ARG A 49 13.22 -2.10 20.12
N GLU A 50 14.08 -2.26 21.10
CA GLU A 50 14.00 -1.49 22.34
C GLU A 50 15.37 -1.05 22.82
N LYS A 51 15.42 0.11 23.46
CA LYS A 51 16.64 0.61 24.08
C LYS A 51 16.30 1.51 25.26
N ARG A 52 17.05 1.32 26.35
CA ARG A 52 16.98 2.20 27.53
C ARG A 52 17.73 3.49 27.22
N VAL A 53 17.13 4.62 27.58
CA VAL A 53 17.78 5.92 27.38
C VAL A 53 17.39 6.94 28.44
N VAL A 54 18.40 7.47 29.12
CA VAL A 54 18.18 8.52 30.13
C VAL A 54 18.20 9.89 29.45
N TYR A 55 17.05 10.56 29.50
CA TYR A 55 16.89 11.91 28.97
C TYR A 55 17.15 12.94 30.08
N ASP A 56 18.18 13.78 29.87
CA ASP A 56 18.73 14.71 30.87
C ASP A 56 19.41 13.99 32.04
N ALA A 67 17.83 12.70 34.21
CA ALA A 67 16.57 12.93 34.90
C ALA A 67 15.48 11.92 34.48
N PHE A 68 15.10 11.93 33.20
CA PHE A 68 14.00 11.07 32.69
C PHE A 68 14.49 9.77 32.05
N LYS A 69 13.75 8.69 32.32
CA LYS A 69 14.13 7.35 31.88
C LYS A 69 13.19 6.85 30.77
N VAL A 70 13.56 7.18 29.54
CA VAL A 70 12.75 6.91 28.35
C VAL A 70 12.93 5.48 27.86
N HIS A 71 11.83 4.86 27.46
CA HIS A 71 11.85 3.52 26.90
C HIS A 71 11.51 3.58 25.41
N LEU A 72 12.50 3.30 24.56
CA LEU A 72 12.33 3.46 23.11
C LEU A 72 11.85 2.20 22.41
N GLN A 73 10.82 2.37 21.59
CA GLN A 73 10.36 1.34 20.67
C GLN A 73 10.62 1.80 19.25
N LEU A 74 11.46 1.09 18.53
CA LEU A 74 11.78 1.48 17.17
C LEU A 74 11.22 0.43 16.20
N TRP A 75 10.21 0.81 15.43
CA TRP A 75 9.48 -0.16 14.60
C TRP A 75 10.02 -0.30 13.18
N ASP A 76 9.69 -1.41 12.55
CA ASP A 76 10.27 -1.79 11.27
C ASP A 76 9.36 -2.74 10.50
N THR A 77 9.58 -2.85 9.19
CA THR A 77 8.76 -3.69 8.33
C THR A 77 9.61 -4.67 7.53
N ALA A 78 9.02 -5.82 7.18
CA ALA A 78 9.74 -6.86 6.46
C ALA A 78 8.89 -7.37 5.32
N GLY A 79 9.56 -7.80 4.25
CA GLY A 79 8.90 -8.46 3.12
C GLY A 79 8.24 -7.55 2.10
N LEU A 80 8.44 -6.24 2.24
CA LEU A 80 7.78 -5.29 1.36
C LEU A 80 8.21 -5.40 -0.12
N GLU A 81 9.48 -5.70 -0.36
CA GLU A 81 10.01 -5.86 -1.71
C GLU A 81 9.26 -6.97 -2.46
N ARG A 82 9.13 -8.12 -1.80
CA ARG A 82 8.34 -9.24 -2.27
C ARG A 82 6.92 -8.83 -2.59
N PHE A 83 6.28 -8.13 -1.66
CA PHE A 83 4.91 -7.66 -1.83
C PHE A 83 4.73 -6.80 -3.09
N ARG A 84 5.67 -5.90 -3.37
CA ARG A 84 5.68 -5.12 -4.62
C ARG A 84 5.72 -6.00 -5.88
N SER A 85 6.57 -7.02 -5.87
CA SER A 85 6.66 -7.91 -7.01
C SER A 85 5.31 -8.61 -7.18
N LEU A 86 4.71 -8.98 -6.05
CA LEU A 86 3.39 -9.59 -6.05
C LEU A 86 2.36 -8.63 -6.61
N THR A 87 2.48 -7.35 -6.28
CA THR A 87 1.53 -6.34 -6.76
C THR A 87 1.66 -6.13 -8.27
N THR A 88 2.89 -5.88 -8.72
CA THR A 88 3.24 -5.83 -10.14
C THR A 88 2.72 -7.05 -10.90
N ALA A 89 2.95 -8.24 -10.34
CA ALA A 89 2.53 -9.48 -10.99
C ALA A 89 1.01 -9.52 -11.13
N PHE A 90 0.31 -8.92 -10.17
CA PHE A 90 -1.12 -8.85 -10.19
C PHE A 90 -1.64 -7.94 -11.33
N PHE A 91 -1.02 -6.77 -11.50
CA PHE A 91 -1.46 -5.81 -12.52
C PHE A 91 -0.89 -6.05 -13.93
N ARG A 92 0.19 -6.82 -14.02
CA ARG A 92 0.88 -7.06 -15.29
C ARG A 92 -0.07 -7.49 -16.39
N ASP A 93 -0.14 -6.68 -17.45
CA ASP A 93 -0.92 -6.99 -18.67
C ASP A 93 -2.40 -7.22 -18.45
N ALA A 94 -2.97 -6.57 -17.44
CA ALA A 94 -4.40 -6.70 -17.14
C ALA A 94 -5.23 -5.86 -18.11
N MET A 95 -6.32 -6.44 -18.59
CA MET A 95 -7.11 -5.82 -19.65
C MET A 95 -8.49 -5.40 -19.19
N GLY A 96 -8.91 -5.89 -18.03
CA GLY A 96 -10.20 -5.55 -17.45
C GLY A 96 -10.23 -5.64 -15.95
N PHE A 97 -10.93 -4.71 -15.31
CA PHE A 97 -11.12 -4.75 -13.85
C PHE A 97 -12.61 -4.96 -13.56
N LEU A 98 -12.92 -6.00 -12.80
CA LEU A 98 -14.24 -6.13 -12.20
C LEU A 98 -14.22 -5.30 -10.91
N LEU A 99 -14.59 -4.02 -11.04
CA LEU A 99 -14.54 -3.13 -9.90
C LEU A 99 -15.83 -3.27 -9.14
N MET A 100 -15.73 -3.85 -7.95
CA MET A 100 -16.94 -4.13 -7.17
C MET A 100 -17.01 -3.45 -5.83
N PHE A 101 -18.24 -3.20 -5.42
CA PHE A 101 -18.52 -2.72 -4.09
C PHE A 101 -19.74 -3.48 -3.57
N ASP A 102 -20.11 -3.17 -2.32
CA ASP A 102 -21.19 -3.86 -1.64
C ASP A 102 -22.37 -2.93 -1.52
N LEU A 103 -23.49 -3.35 -2.11
CA LEU A 103 -24.72 -2.59 -2.11
C LEU A 103 -25.20 -2.33 -0.69
N THR A 104 -24.81 -3.19 0.23
CA THR A 104 -25.15 -3.04 1.66
C THR A 104 -24.09 -2.28 2.45
N SER A 105 -23.08 -1.75 1.76
CA SER A 105 -21.98 -1.06 2.45
C SER A 105 -21.61 0.23 1.74
N GLN A 106 -22.13 1.35 2.23
CA GLN A 106 -21.81 2.66 1.66
C GLN A 106 -20.30 2.94 1.65
N GLN A 107 -19.59 2.47 2.68
CA GLN A 107 -18.13 2.62 2.76
C GLN A 107 -17.40 1.96 1.59
N SER A 108 -17.94 0.85 1.09
CA SER A 108 -17.35 0.17 -0.06
C SER A 108 -17.57 0.95 -1.35
N PHE A 109 -18.68 1.69 -1.41
CA PHE A 109 -18.99 2.46 -2.59
C PHE A 109 -18.12 3.71 -2.69
N LEU A 110 -17.98 4.43 -1.58
CA LEU A 110 -17.21 5.66 -1.54
C LEU A 110 -15.72 5.41 -1.81
N ASN A 111 -15.18 4.35 -1.21
CA ASN A 111 -13.81 3.94 -1.45
C ASN A 111 -13.50 3.68 -2.93
N VAL A 112 -14.47 3.09 -3.63
CA VAL A 112 -14.36 2.91 -5.08
C VAL A 112 -14.32 4.24 -5.82
N ARG A 113 -15.28 5.12 -5.51
CA ARG A 113 -15.38 6.43 -6.14
C ARG A 113 -14.12 7.24 -5.89
N ASN A 114 -13.60 7.13 -4.67
CA ASN A 114 -12.40 7.84 -4.28
C ASN A 114 -11.17 7.26 -4.98
N TRP A 115 -11.19 5.95 -5.16
CA TRP A 115 -10.13 5.27 -5.89
C TRP A 115 -10.11 5.70 -7.35
N MET A 116 -11.27 5.71 -7.99
CA MET A 116 -11.39 6.03 -9.41
C MET A 116 -10.90 7.43 -9.73
N SER A 117 -11.26 8.40 -8.88
CA SER A 117 -10.86 9.79 -9.02
C SER A 117 -9.33 10.01 -9.01
N GLN A 118 -8.57 8.93 -8.80
CA GLN A 118 -7.12 9.01 -8.69
C GLN A 118 -6.40 8.38 -9.86
N LEU A 119 -7.14 7.59 -10.64
CA LEU A 119 -6.61 6.93 -11.83
C LEU A 119 -6.16 7.96 -12.84
N GLN A 120 -5.01 7.71 -13.46
CA GLN A 120 -4.49 8.57 -14.51
C GLN A 120 -4.68 7.87 -15.84
N ALA A 121 -5.31 8.57 -16.78
CA ALA A 121 -5.60 8.03 -18.10
C ALA A 121 -4.33 7.81 -18.91
N ASN A 122 -4.19 6.61 -19.48
CA ASN A 122 -3.17 6.36 -20.50
C ASN A 122 -3.84 6.48 -21.87
N ALA A 123 -3.06 6.27 -22.93
CA ALA A 123 -3.62 6.23 -24.28
C ALA A 123 -4.76 5.21 -24.39
N TYR A 124 -5.78 5.55 -25.19
CA TYR A 124 -6.98 4.73 -25.41
C TYR A 124 -6.73 3.20 -25.39
N CYS A 125 -5.73 2.77 -26.14
CA CYS A 125 -5.42 1.36 -26.29
C CYS A 125 -4.78 0.77 -25.03
N GLU A 126 -4.01 1.59 -24.33
CA GLU A 126 -3.35 1.18 -23.10
C GLU A 126 -4.28 1.25 -21.88
N ASN A 127 -5.43 1.89 -22.04
CA ASN A 127 -6.41 1.95 -20.97
C ASN A 127 -7.14 0.63 -20.77
N PRO A 128 -7.09 0.08 -19.55
CA PRO A 128 -7.85 -1.13 -19.23
C PRO A 128 -9.35 -0.86 -19.12
N ASP A 129 -10.15 -1.83 -19.55
CA ASP A 129 -11.59 -1.72 -19.42
C ASP A 129 -12.04 -1.98 -17.99
N ILE A 130 -13.09 -1.28 -17.57
CA ILE A 130 -13.65 -1.54 -16.26
C ILE A 130 -15.17 -1.71 -16.31
N VAL A 131 -15.70 -2.58 -15.45
CA VAL A 131 -17.14 -2.73 -15.22
C VAL A 131 -17.40 -2.52 -13.73
N LEU A 132 -18.29 -1.59 -13.42
CA LEU A 132 -18.67 -1.28 -12.05
C LEU A 132 -19.70 -2.28 -11.56
N ILE A 133 -19.44 -2.88 -10.40
CA ILE A 133 -20.25 -4.01 -9.89
C ILE A 133 -20.73 -3.79 -8.46
N GLY A 134 -22.05 -3.66 -8.32
CA GLY A 134 -22.70 -3.56 -7.02
C GLY A 134 -23.13 -4.96 -6.58
N ASN A 135 -22.34 -5.56 -5.70
CA ASN A 135 -22.55 -6.94 -5.28
C ASN A 135 -23.55 -7.04 -4.13
N LYS A 136 -24.00 -8.27 -3.87
CA LYS A 136 -24.93 -8.60 -2.78
C LYS A 136 -26.31 -7.99 -3.01
N ALA A 137 -26.78 -8.09 -4.26
CA ALA A 137 -28.09 -7.57 -4.63
C ALA A 137 -29.25 -8.38 -4.02
N ASP A 138 -28.93 -9.51 -3.41
CA ASP A 138 -29.95 -10.40 -2.84
C ASP A 138 -30.32 -10.08 -1.39
N LEU A 139 -29.84 -8.94 -0.88
CA LEU A 139 -30.20 -8.51 0.47
C LEU A 139 -30.74 -7.08 0.44
N PRO A 140 -31.95 -6.89 -0.11
CA PRO A 140 -32.47 -5.53 -0.26
C PRO A 140 -32.70 -4.84 1.09
N ASP A 141 -33.01 -5.63 2.13
CA ASP A 141 -33.23 -5.08 3.48
C ASP A 141 -31.99 -4.45 4.09
N GLN A 142 -30.82 -4.73 3.51
CA GLN A 142 -29.55 -4.23 4.04
C GLN A 142 -28.90 -3.19 3.14
N ARG A 143 -29.52 -2.92 1.98
CA ARG A 143 -28.95 -2.00 1.00
C ARG A 143 -28.71 -0.61 1.56
N GLU A 144 -27.51 -0.08 1.31
CA GLU A 144 -27.13 1.27 1.71
C GLU A 144 -26.87 2.17 0.49
N VAL A 145 -26.42 1.56 -0.60
CA VAL A 145 -26.01 2.31 -1.80
C VAL A 145 -27.17 2.64 -2.72
N ASN A 146 -27.51 3.92 -2.79
CA ASN A 146 -28.53 4.43 -3.70
C ASN A 146 -28.18 4.07 -5.15
N GLU A 147 -29.16 3.54 -5.88
CA GLU A 147 -28.93 3.14 -7.27
C GLU A 147 -28.46 4.31 -8.14
N ARG A 148 -29.14 5.45 -8.00
CA ARG A 148 -28.83 6.66 -8.79
C ARG A 148 -27.40 7.15 -8.59
N GLN A 149 -26.90 7.10 -7.35
CA GLN A 149 -25.54 7.49 -7.06
C GLN A 149 -24.51 6.62 -7.81
N ALA A 150 -24.80 5.32 -7.86
CA ALA A 150 -23.92 4.34 -8.50
C ALA A 150 -23.89 4.47 -10.02
N ARG A 151 -25.07 4.61 -10.62
CA ARG A 151 -25.19 4.85 -12.06
C ARG A 151 -24.49 6.13 -12.51
N GLU A 152 -24.45 7.12 -11.64
CA GLU A 152 -23.81 8.38 -11.96
C GLU A 152 -22.29 8.23 -12.05
N LEU A 153 -21.72 7.48 -11.12
CA LEU A 153 -20.30 7.14 -11.15
C LEU A 153 -19.97 6.45 -12.47
N ALA A 154 -20.83 5.51 -12.86
CA ALA A 154 -20.71 4.78 -14.12
C ALA A 154 -20.81 5.74 -15.30
N GLU A 155 -21.82 6.60 -15.24
CA GLU A 155 -22.02 7.64 -16.25
C GLU A 155 -20.80 8.55 -16.36
N LYS A 156 -20.28 8.98 -15.22
CA LYS A 156 -19.16 9.90 -15.16
C LYS A 156 -17.98 9.41 -15.97
N TYR A 157 -17.64 8.14 -15.80
CA TYR A 157 -16.47 7.53 -16.45
C TYR A 157 -16.88 6.68 -17.64
N GLY A 158 -18.09 6.91 -18.12
CA GLY A 158 -18.65 6.16 -19.24
C GLY A 158 -18.37 4.68 -19.19
N ILE A 159 -18.76 4.02 -18.10
CA ILE A 159 -18.59 2.56 -17.97
C ILE A 159 -19.91 1.85 -17.66
N PRO A 160 -20.03 0.56 -18.06
CA PRO A 160 -21.20 -0.23 -17.70
C PRO A 160 -21.35 -0.40 -16.19
N TYR A 161 -22.59 -0.59 -15.75
CA TYR A 161 -22.89 -0.83 -14.33
C TYR A 161 -23.87 -1.99 -14.20
N PHE A 162 -23.57 -2.88 -13.28
CA PHE A 162 -24.39 -4.05 -13.02
C PHE A 162 -24.62 -4.22 -11.55
N GLU A 163 -25.81 -4.70 -11.21
CA GLU A 163 -26.10 -5.08 -9.86
C GLU A 163 -26.15 -6.59 -9.84
N THR A 164 -25.23 -7.19 -9.08
CA THR A 164 -24.97 -8.62 -9.12
C THR A 164 -25.12 -9.29 -7.76
N SER A 165 -25.24 -10.62 -7.78
CA SER A 165 -25.25 -11.42 -6.57
C SER A 165 -24.45 -12.71 -6.76
N ALA A 166 -23.37 -12.86 -6.00
CA ALA A 166 -22.56 -14.08 -6.05
C ALA A 166 -23.29 -15.31 -5.50
N ALA A 167 -24.26 -15.08 -4.61
CA ALA A 167 -25.04 -16.16 -4.02
C ALA A 167 -26.13 -16.68 -4.97
N THR A 168 -26.85 -15.75 -5.63
CA THR A 168 -27.90 -16.10 -6.59
C THR A 168 -27.32 -16.39 -7.97
N GLY A 169 -26.31 -15.61 -8.35
CA GLY A 169 -25.75 -15.67 -9.69
C GLY A 169 -26.28 -14.56 -10.59
N GLN A 170 -27.14 -13.71 -10.03
CA GLN A 170 -27.74 -12.60 -10.75
C GLN A 170 -26.68 -11.72 -11.41
N ASN A 171 -26.77 -11.60 -12.73
CA ASN A 171 -25.88 -10.73 -13.52
C ASN A 171 -24.38 -11.02 -13.40
N VAL A 172 -24.04 -12.14 -12.75
CA VAL A 172 -22.64 -12.54 -12.57
C VAL A 172 -22.00 -12.81 -13.94
N GLU A 173 -22.63 -13.70 -14.70
CA GLU A 173 -22.16 -14.05 -16.05
C GLU A 173 -22.30 -12.84 -16.98
N LYS A 174 -23.38 -12.08 -16.81
CA LYS A 174 -23.68 -10.92 -17.66
C LYS A 174 -22.64 -9.81 -17.52
N SER A 175 -22.23 -9.54 -16.29
CA SER A 175 -21.22 -8.49 -16.03
C SER A 175 -19.84 -8.83 -16.59
N VAL A 176 -19.42 -10.09 -16.42
CA VAL A 176 -18.11 -10.54 -16.90
C VAL A 176 -18.01 -10.51 -18.43
N GLU A 177 -19.03 -11.02 -19.11
CA GLU A 177 -19.03 -11.04 -20.58
C GLU A 177 -19.06 -9.65 -21.20
N THR A 178 -19.74 -8.72 -20.54
CA THR A 178 -19.68 -7.31 -20.93
C THR A 178 -18.23 -6.80 -20.90
N LEU A 179 -17.51 -7.11 -19.84
CA LEU A 179 -16.12 -6.68 -19.71
C LEU A 179 -15.26 -7.28 -20.82
N LEU A 180 -15.47 -8.57 -21.07
CA LEU A 180 -14.83 -9.24 -22.21
C LEU A 180 -15.10 -8.49 -23.51
N ASP A 181 -16.37 -8.11 -23.70
CA ASP A 181 -16.80 -7.49 -24.94
C ASP A 181 -16.14 -6.13 -25.15
N LEU A 182 -16.00 -5.37 -24.06
CA LEU A 182 -15.29 -4.10 -24.09
C LEU A 182 -13.85 -4.33 -24.50
N ILE A 183 -13.23 -5.33 -23.89
CA ILE A 183 -11.85 -5.66 -24.16
C ILE A 183 -11.66 -6.07 -25.61
N MET A 184 -12.56 -6.92 -26.10
CA MET A 184 -12.47 -7.45 -27.46
C MET A 184 -12.69 -6.38 -28.51
N LYS A 185 -13.65 -5.50 -28.24
CA LYS A 185 -13.93 -4.39 -29.14
C LYS A 185 -12.82 -3.36 -29.10
N ARG A 186 -12.12 -3.28 -27.97
CA ARG A 186 -10.96 -2.39 -27.86
C ARG A 186 -9.84 -2.87 -28.76
N MET A 187 -9.64 -4.18 -28.82
CA MET A 187 -8.61 -4.79 -29.66
C MET A 187 -8.83 -4.53 -31.14
N GLU A 188 -10.07 -4.76 -31.59
CA GLU A 188 -10.47 -4.53 -32.98
C GLU A 188 -9.97 -3.18 -33.48
N LYS A 189 -10.18 -2.15 -32.67
CA LYS A 189 -9.78 -0.80 -33.01
C LYS A 189 -8.27 -0.60 -32.92
N CYS A 190 -7.63 -1.28 -31.99
CA CYS A 190 -6.22 -1.03 -31.69
C CYS A 190 -5.22 -1.89 -32.49
N VAL A 191 -5.65 -3.07 -32.94
CA VAL A 191 -4.73 -4.10 -33.46
C VAL A 191 -3.69 -3.64 -34.51
N TYR B 8 10.77 3.65 34.78
CA TYR B 8 10.23 3.92 33.40
C TYR B 8 9.24 5.09 33.39
N ASP B 9 9.66 6.18 32.76
CA ASP B 9 8.92 7.44 32.75
C ASP B 9 8.00 7.63 31.54
N TYR B 10 8.46 7.21 30.35
CA TYR B 10 7.68 7.32 29.11
C TYR B 10 8.01 6.18 28.14
N LEU B 11 6.99 5.75 27.40
CA LEU B 11 7.15 4.83 26.28
C LEU B 11 7.07 5.66 25.01
N ILE B 12 8.17 5.70 24.26
CA ILE B 12 8.19 6.44 23.00
C ILE B 12 8.24 5.51 21.79
N LYS B 13 7.27 5.66 20.90
CA LYS B 13 7.25 4.88 19.67
C LYS B 13 7.92 5.65 18.52
N LEU B 14 8.89 4.99 17.89
CA LEU B 14 9.62 5.55 16.76
C LEU B 14 9.49 4.65 15.54
N LEU B 15 9.36 5.28 14.38
CA LEU B 15 9.31 4.56 13.12
C LEU B 15 10.55 4.83 12.27
N ALA B 16 11.05 3.78 11.65
CA ALA B 16 12.10 3.92 10.62
C ALA B 16 11.42 3.83 9.27
N LEU B 17 11.49 4.92 8.52
CA LEU B 17 10.84 5.01 7.21
C LEU B 17 11.87 5.24 6.10
N GLY B 18 11.47 4.93 4.87
CA GLY B 18 12.34 5.13 3.71
C GLY B 18 12.39 3.93 2.79
N ASP B 19 13.03 4.11 1.64
CA ASP B 19 13.01 3.12 0.57
C ASP B 19 13.59 1.78 0.99
N SER B 20 13.15 0.71 0.32
CA SER B 20 13.70 -0.61 0.58
C SER B 20 15.17 -0.59 0.13
N GLY B 21 16.05 -1.17 0.96
CA GLY B 21 17.48 -1.25 0.67
C GLY B 21 18.32 -0.09 1.19
N VAL B 22 17.65 0.99 1.61
CA VAL B 22 18.31 2.17 2.16
C VAL B 22 19.11 1.86 3.44
N GLY B 23 18.72 0.79 4.11
CA GLY B 23 19.44 0.34 5.30
C GLY B 23 18.72 0.61 6.62
N LYS B 24 17.40 0.51 6.60
CA LYS B 24 16.60 0.73 7.81
C LYS B 24 16.85 -0.34 8.85
N THR B 25 16.70 -1.61 8.45
CA THR B 25 16.87 -2.75 9.37
C THR B 25 18.29 -2.81 9.96
N THR B 26 19.29 -2.47 9.15
CA THR B 26 20.69 -2.54 9.55
C THR B 26 21.03 -1.42 10.54
N PHE B 27 20.50 -0.24 10.29
CA PHE B 27 20.60 0.91 11.20
C PHE B 27 20.14 0.54 12.61
N LEU B 28 18.99 -0.12 12.68
CA LEU B 28 18.35 -0.48 13.95
C LEU B 28 19.16 -1.51 14.73
N TYR B 29 19.67 -2.53 14.04
CA TYR B 29 20.52 -3.49 14.72
C TYR B 29 21.71 -2.80 15.35
N ARG B 30 22.35 -1.91 14.58
CA ARG B 30 23.53 -1.19 15.06
C ARG B 30 23.20 -0.42 16.33
N TYR B 31 22.12 0.35 16.29
CA TYR B 31 21.67 1.15 17.44
C TYR B 31 21.29 0.34 18.67
N THR B 32 20.89 -0.89 18.45
CA THR B 32 20.12 -1.61 19.46
C THR B 32 20.86 -2.77 20.16
N ASP B 33 21.27 -3.78 19.39
CA ASP B 33 21.74 -5.04 19.96
C ASP B 33 20.71 -5.68 20.93
N ASN B 34 19.68 -6.29 20.35
CA ASN B 34 18.71 -7.09 21.08
C ASN B 34 18.74 -8.49 20.50
N LYS B 35 19.47 -9.39 21.15
CA LYS B 35 19.64 -10.75 20.62
C LYS B 35 18.35 -11.23 19.96
N PHE B 36 17.21 -11.00 20.62
CA PHE B 36 15.89 -11.25 20.04
C PHE B 36 15.00 -10.02 20.07
N ASN B 37 14.16 -9.89 19.05
CA ASN B 37 13.12 -8.87 18.99
C ASN B 37 11.83 -9.46 18.41
N PRO B 38 10.66 -8.89 18.77
CA PRO B 38 9.41 -9.52 18.35
C PRO B 38 8.98 -9.10 16.95
N LYS B 39 8.43 -10.05 16.18
CA LYS B 39 7.92 -9.80 14.84
C LYS B 39 6.44 -10.18 14.76
N PHE B 40 5.65 -9.32 14.13
CA PHE B 40 4.23 -9.59 13.90
C PHE B 40 4.04 -9.75 12.41
N ILE B 41 3.64 -10.95 11.98
CA ILE B 41 3.55 -11.28 10.56
C ILE B 41 2.15 -11.75 10.16
N THR B 42 1.90 -11.75 8.85
CA THR B 42 0.69 -12.32 8.28
C THR B 42 0.98 -12.74 6.83
N THR B 43 0.10 -13.56 6.25
CA THR B 43 0.30 -14.02 4.88
C THR B 43 -0.63 -13.31 3.91
N VAL B 44 -0.05 -12.72 2.87
CA VAL B 44 -0.82 -12.13 1.75
C VAL B 44 -0.48 -12.85 0.45
N GLY B 45 -1.45 -12.92 -0.44
CA GLY B 45 -1.26 -13.61 -1.72
C GLY B 45 -2.13 -13.14 -2.86
N ILE B 46 -1.73 -13.51 -4.07
CA ILE B 46 -2.59 -13.38 -5.24
C ILE B 46 -2.94 -14.80 -5.71
N ASP B 47 -3.88 -14.91 -6.63
CA ASP B 47 -4.23 -16.19 -7.25
C ASP B 47 -5.08 -15.92 -8.49
N PHE B 48 -5.28 -16.94 -9.33
CA PHE B 48 -6.13 -16.80 -10.51
C PHE B 48 -6.96 -18.04 -10.80
N ARG B 49 -8.06 -17.82 -11.53
CA ARG B 49 -8.87 -18.90 -12.06
C ARG B 49 -8.93 -18.75 -13.56
N GLU B 50 -9.12 -19.85 -14.28
CA GLU B 50 -9.37 -19.79 -15.71
C GLU B 50 -10.77 -20.29 -16.05
N LYS B 51 -11.39 -19.68 -17.06
CA LYS B 51 -12.62 -20.20 -17.66
C LYS B 51 -12.54 -20.10 -19.18
N ARG B 52 -13.09 -21.12 -19.85
CA ARG B 52 -13.24 -21.13 -21.30
C ARG B 52 -14.52 -20.44 -21.73
N VAL B 53 -14.40 -19.57 -22.72
CA VAL B 53 -15.52 -18.79 -23.21
C VAL B 53 -15.43 -18.73 -24.72
N VAL B 54 -16.59 -18.63 -25.37
CA VAL B 54 -16.66 -18.37 -26.80
C VAL B 54 -17.15 -16.93 -27.02
N TYR B 55 -16.36 -16.15 -27.76
CA TYR B 55 -16.73 -14.76 -28.07
C TYR B 55 -17.19 -14.64 -29.52
N ASP B 56 -18.50 -14.56 -29.71
CA ASP B 56 -19.10 -14.49 -31.04
C ASP B 56 -18.82 -13.18 -31.76
N ALA B 67 -9.81 -15.01 -33.08
CA ALA B 67 -10.77 -14.09 -32.50
C ALA B 67 -12.11 -14.80 -32.25
N PHE B 68 -12.09 -15.82 -31.40
CA PHE B 68 -13.29 -16.64 -31.18
C PHE B 68 -13.22 -17.48 -29.90
N LYS B 69 -12.18 -18.31 -29.78
CA LYS B 69 -11.99 -19.18 -28.62
C LYS B 69 -11.11 -18.48 -27.58
N VAL B 70 -11.71 -18.09 -26.47
CA VAL B 70 -11.05 -17.22 -25.48
C VAL B 70 -10.89 -17.88 -24.12
N HIS B 71 -9.67 -17.83 -23.60
CA HIS B 71 -9.36 -18.27 -22.24
C HIS B 71 -9.36 -17.08 -21.30
N LEU B 72 -10.38 -16.99 -20.45
CA LEU B 72 -10.41 -15.96 -19.41
C LEU B 72 -9.52 -16.33 -18.25
N GLN B 73 -8.83 -15.34 -17.69
CA GLN B 73 -7.95 -15.55 -16.57
C GLN B 73 -8.20 -14.47 -15.50
N LEU B 74 -8.97 -14.85 -14.48
CA LEU B 74 -9.45 -13.92 -13.46
C LEU B 74 -8.62 -14.05 -12.19
N TRP B 75 -8.05 -12.91 -11.75
CA TRP B 75 -7.14 -12.87 -10.60
C TRP B 75 -7.78 -12.23 -9.38
N ASP B 76 -7.34 -12.68 -8.21
CA ASP B 76 -7.96 -12.34 -6.94
C ASP B 76 -6.88 -12.03 -5.92
N THR B 77 -7.27 -11.45 -4.79
CA THR B 77 -6.35 -11.24 -3.67
C THR B 77 -6.79 -11.97 -2.43
N ALA B 78 -5.81 -12.31 -1.59
CA ALA B 78 -6.04 -12.98 -0.31
C ALA B 78 -5.25 -12.28 0.79
N GLY B 79 -5.94 -11.99 1.90
CA GLY B 79 -5.31 -11.56 3.15
C GLY B 79 -4.98 -10.08 3.32
N LEU B 80 -5.53 -9.24 2.45
CA LEU B 80 -5.25 -7.81 2.49
C LEU B 80 -5.81 -7.10 3.74
N GLU B 81 -6.90 -7.63 4.30
CA GLU B 81 -7.52 -7.04 5.48
C GLU B 81 -6.57 -7.03 6.67
N ARG B 82 -5.95 -8.19 6.93
CA ARG B 82 -4.93 -8.34 7.95
C ARG B 82 -3.73 -7.42 7.71
N PHE B 83 -3.29 -7.35 6.45
CA PHE B 83 -2.19 -6.47 6.05
C PHE B 83 -2.50 -5.02 6.39
N ARG B 84 -3.71 -4.56 6.06
CA ARG B 84 -4.14 -3.20 6.37
C ARG B 84 -4.06 -2.91 7.86
N SER B 85 -4.54 -3.85 8.68
CA SER B 85 -4.56 -3.64 10.11
C SER B 85 -3.15 -3.70 10.72
N LEU B 86 -2.22 -4.30 9.98
CA LEU B 86 -0.82 -4.32 10.36
C LEU B 86 -0.19 -2.95 10.11
N THR B 87 -0.50 -2.36 8.96
CA THR B 87 -0.09 -1.01 8.61
C THR B 87 -0.64 0.03 9.58
N THR B 88 -1.84 -0.22 10.09
CA THR B 88 -2.47 0.65 11.08
C THR B 88 -1.75 0.50 12.40
N ALA B 89 -1.34 -0.73 12.70
CA ALA B 89 -0.60 -1.03 13.91
C ALA B 89 0.79 -0.41 13.84
N PHE B 90 1.36 -0.37 12.64
CA PHE B 90 2.68 0.20 12.42
C PHE B 90 2.72 1.71 12.68
N PHE B 91 1.72 2.44 12.17
CA PHE B 91 1.72 3.89 12.27
C PHE B 91 1.09 4.45 13.53
N ARG B 92 0.24 3.67 14.17
CA ARG B 92 -0.54 4.10 15.33
C ARG B 92 0.35 4.63 16.43
N ASP B 93 -0.02 5.78 17.01
CA ASP B 93 0.67 6.37 18.16
C ASP B 93 2.16 6.67 17.93
N ALA B 94 2.57 6.77 16.67
CA ALA B 94 3.97 6.97 16.35
C ALA B 94 4.36 8.42 16.55
N MET B 95 5.36 8.65 17.39
CA MET B 95 5.73 10.00 17.78
C MET B 95 6.88 10.59 16.97
N GLY B 96 7.70 9.73 16.37
CA GLY B 96 8.84 10.17 15.58
C GLY B 96 9.18 9.32 14.37
N PHE B 97 9.64 9.96 13.30
CA PHE B 97 10.09 9.27 12.10
C PHE B 97 11.59 9.43 11.88
N LEU B 98 12.27 8.30 11.77
CA LEU B 98 13.64 8.29 11.28
C LEU B 98 13.55 8.16 9.77
N LEU B 99 13.47 9.31 9.11
CA LEU B 99 13.30 9.37 7.66
C LEU B 99 14.66 9.22 6.99
N MET B 100 14.82 8.16 6.22
CA MET B 100 16.12 7.87 5.68
C MET B 100 16.19 7.50 4.21
N PHE B 101 17.30 7.90 3.61
CA PHE B 101 17.63 7.62 2.24
C PHE B 101 19.06 7.06 2.20
N ASP B 102 19.39 6.44 1.08
CA ASP B 102 20.71 5.88 0.83
C ASP B 102 21.60 6.99 0.26
N LEU B 103 22.76 7.24 0.89
CA LEU B 103 23.68 8.26 0.40
C LEU B 103 24.32 7.89 -0.94
N THR B 104 24.13 6.63 -1.34
CA THR B 104 24.66 6.11 -2.60
C THR B 104 23.52 5.93 -3.60
N SER B 105 22.45 6.70 -3.39
CA SER B 105 21.24 6.57 -4.21
C SER B 105 20.43 7.86 -4.26
N GLN B 106 20.68 8.66 -5.30
CA GLN B 106 19.92 9.90 -5.53
C GLN B 106 18.41 9.64 -5.59
N GLN B 107 18.03 8.52 -6.21
CA GLN B 107 16.62 8.15 -6.33
C GLN B 107 15.92 8.03 -4.97
N SER B 108 16.57 7.33 -4.04
CA SER B 108 16.03 7.15 -2.69
C SER B 108 15.88 8.50 -1.98
N PHE B 109 16.84 9.39 -2.19
CA PHE B 109 16.73 10.77 -1.71
C PHE B 109 15.57 11.50 -2.38
N LEU B 110 15.48 11.41 -3.71
CA LEU B 110 14.41 12.06 -4.46
C LEU B 110 13.06 11.54 -3.99
N ASN B 111 12.93 10.21 -3.90
CA ASN B 111 11.70 9.58 -3.40
C ASN B 111 11.30 10.11 -2.03
N VAL B 112 12.30 10.47 -1.22
CA VAL B 112 12.08 11.05 0.10
C VAL B 112 11.73 12.54 0.03
N ARG B 113 12.24 13.24 -0.98
CA ARG B 113 11.88 14.64 -1.20
C ARG B 113 10.41 14.77 -1.67
N ASN B 114 10.03 13.96 -2.66
CA ASN B 114 8.66 13.97 -3.21
C ASN B 114 7.63 13.40 -2.25
N TRP B 115 8.11 12.71 -1.22
CA TRP B 115 7.22 12.17 -0.19
C TRP B 115 6.87 13.25 0.82
N MET B 116 7.87 14.05 1.17
CA MET B 116 7.71 15.07 2.19
C MET B 116 6.83 16.24 1.76
N SER B 117 6.79 16.53 0.45
CA SER B 117 5.93 17.57 -0.08
C SER B 117 4.47 17.10 -0.23
N GLN B 118 4.29 15.79 -0.39
CA GLN B 118 2.94 15.20 -0.35
C GLN B 118 2.32 15.28 1.03
N LEU B 119 3.10 15.73 2.02
CA LEU B 119 2.65 15.78 3.41
C LEU B 119 1.90 17.06 3.75
N GLN B 120 0.81 16.91 4.51
CA GLN B 120 0.04 18.04 4.99
C GLN B 120 0.11 18.16 6.50
N ALA B 121 0.65 19.29 6.96
CA ALA B 121 0.86 19.55 8.39
C ALA B 121 -0.47 19.61 9.15
N ASN B 122 -0.48 19.02 10.34
CA ASN B 122 -1.58 19.18 11.29
C ASN B 122 -1.26 20.37 12.21
N ALA B 123 -2.01 20.45 13.32
CA ALA B 123 -1.69 21.39 14.39
C ALA B 123 -0.28 21.12 14.91
N TYR B 124 0.50 22.19 15.10
CA TYR B 124 1.87 22.14 15.64
C TYR B 124 2.04 21.06 16.71
N CYS B 125 0.97 20.87 17.46
CA CYS B 125 0.97 20.04 18.63
C CYS B 125 0.62 18.57 18.30
N GLU B 126 0.07 18.34 17.12
CA GLU B 126 -0.36 16.99 16.72
C GLU B 126 0.47 16.34 15.60
N ASN B 127 1.42 17.11 15.06
CA ASN B 127 2.36 16.58 14.08
C ASN B 127 3.43 15.69 14.73
N PRO B 128 3.76 14.54 14.10
CA PRO B 128 4.90 13.73 14.56
C PRO B 128 6.24 14.39 14.18
N ASP B 129 7.27 14.14 14.98
CA ASP B 129 8.59 14.72 14.75
C ASP B 129 9.41 13.91 13.74
N ILE B 130 10.35 14.58 13.05
CA ILE B 130 11.13 13.93 12.01
C ILE B 130 12.62 14.29 12.05
N VAL B 131 13.47 13.30 11.76
CA VAL B 131 14.88 13.52 11.54
C VAL B 131 15.32 12.82 10.26
N LEU B 132 15.82 13.61 9.31
CA LEU B 132 16.32 13.11 8.03
C LEU B 132 17.68 12.42 8.21
N ILE B 133 17.86 11.29 7.53
CA ILE B 133 19.04 10.44 7.72
C ILE B 133 19.64 10.02 6.40
N GLY B 134 20.90 10.40 6.19
CA GLY B 134 21.70 9.87 5.08
C GLY B 134 22.50 8.67 5.56
N ASN B 135 22.15 7.49 5.05
CA ASN B 135 22.82 6.25 5.47
C ASN B 135 23.88 5.75 4.50
N LYS B 136 24.77 4.88 5.00
CA LYS B 136 25.88 4.32 4.24
C LYS B 136 26.95 5.39 3.97
N ALA B 137 27.16 6.26 4.96
CA ALA B 137 28.19 7.31 4.87
C ALA B 137 29.58 6.72 4.76
N ASP B 138 29.70 5.44 5.15
CA ASP B 138 30.95 4.70 5.16
C ASP B 138 31.38 4.27 3.76
N LEU B 139 30.54 4.56 2.76
CA LEU B 139 30.87 4.29 1.37
C LEU B 139 31.02 5.59 0.57
N PRO B 140 32.16 6.29 0.73
CA PRO B 140 32.36 7.58 0.05
C PRO B 140 32.44 7.43 -1.47
N ASP B 141 33.17 6.44 -1.96
CA ASP B 141 33.37 6.24 -3.41
C ASP B 141 32.16 5.65 -4.10
N GLN B 142 31.05 5.59 -3.39
CA GLN B 142 29.78 5.16 -3.95
C GLN B 142 28.73 6.26 -3.85
N ARG B 143 29.05 7.34 -3.12
CA ARG B 143 28.11 8.43 -2.87
C ARG B 143 27.51 8.97 -4.16
N GLU B 144 26.21 9.24 -4.11
CA GLU B 144 25.52 9.84 -5.24
C GLU B 144 24.80 11.13 -4.83
N VAL B 145 24.22 11.14 -3.64
CA VAL B 145 23.48 12.31 -3.17
C VAL B 145 24.44 13.40 -2.74
N ASN B 146 24.15 14.65 -3.11
CA ASN B 146 24.95 15.80 -2.71
C ASN B 146 24.51 16.33 -1.35
N GLU B 147 25.48 16.61 -0.48
CA GLU B 147 25.20 17.11 0.87
C GLU B 147 24.34 18.38 0.89
N ARG B 148 24.62 19.31 -0.03
CA ARG B 148 23.85 20.55 -0.11
C ARG B 148 22.35 20.29 -0.16
N GLN B 149 21.91 19.58 -1.20
CA GLN B 149 20.50 19.26 -1.42
C GLN B 149 19.83 18.58 -0.22
N ALA B 150 20.62 17.78 0.49
CA ALA B 150 20.16 17.10 1.70
C ALA B 150 19.90 18.07 2.85
N ARG B 151 20.89 18.90 3.16
CA ARG B 151 20.80 19.87 4.27
C ARG B 151 19.74 20.93 4.04
N GLU B 152 19.62 21.37 2.79
CA GLU B 152 18.68 22.42 2.43
C GLU B 152 17.24 21.92 2.39
N LEU B 153 17.08 20.60 2.23
CA LEU B 153 15.79 19.94 2.38
C LEU B 153 15.40 19.95 3.86
N ALA B 154 16.36 19.59 4.72
CA ALA B 154 16.15 19.59 6.17
C ALA B 154 15.86 20.99 6.71
N GLU B 155 16.58 21.98 6.18
CA GLU B 155 16.35 23.39 6.49
C GLU B 155 14.90 23.76 6.17
N LYS B 156 14.48 23.44 4.94
CA LYS B 156 13.13 23.75 4.44
C LYS B 156 11.98 23.25 5.32
N TYR B 157 12.14 22.08 5.93
CA TYR B 157 11.05 21.49 6.69
C TYR B 157 11.22 21.64 8.20
N GLY B 158 12.29 22.31 8.62
CA GLY B 158 12.56 22.54 10.04
C GLY B 158 13.05 21.33 10.81
N ILE B 159 13.49 20.27 10.13
CA ILE B 159 14.01 19.08 10.81
C ILE B 159 15.54 18.94 10.66
N PRO B 160 16.20 18.34 11.68
CA PRO B 160 17.64 18.12 11.65
C PRO B 160 18.07 17.06 10.63
N TYR B 161 19.36 17.07 10.30
CA TYR B 161 19.92 16.16 9.31
C TYR B 161 21.19 15.48 9.77
N PHE B 162 21.25 14.17 9.60
CA PHE B 162 22.41 13.42 10.02
C PHE B 162 22.89 12.46 8.93
N GLU B 163 24.20 12.40 8.76
CA GLU B 163 24.82 11.41 7.89
C GLU B 163 25.39 10.29 8.74
N THR B 164 24.85 9.09 8.55
CA THR B 164 25.11 7.96 9.42
C THR B 164 25.72 6.78 8.67
N SER B 165 26.40 5.93 9.44
CA SER B 165 26.77 4.60 8.97
C SER B 165 26.27 3.53 9.93
N ALA B 166 25.52 2.57 9.39
CA ALA B 166 25.11 1.41 10.18
C ALA B 166 26.30 0.48 10.45
N ALA B 167 27.25 0.44 9.53
CA ALA B 167 28.51 -0.30 9.71
C ALA B 167 29.44 0.34 10.75
N THR B 168 29.81 1.60 10.50
CA THR B 168 30.78 2.34 11.32
C THR B 168 30.24 2.70 12.71
N GLY B 169 28.92 2.64 12.88
CA GLY B 169 28.26 3.09 14.10
C GLY B 169 28.07 4.60 14.16
N GLN B 170 28.67 5.29 13.20
CA GLN B 170 28.76 6.75 13.16
C GLN B 170 27.42 7.48 13.07
N ASN B 171 27.18 8.35 14.04
CA ASN B 171 26.02 9.24 14.05
C ASN B 171 24.67 8.57 14.22
N VAL B 172 24.69 7.27 14.46
CA VAL B 172 23.47 6.50 14.68
C VAL B 172 22.83 6.87 16.03
N GLU B 173 23.58 6.70 17.11
CA GLU B 173 23.15 7.12 18.44
C GLU B 173 22.69 8.59 18.46
N LYS B 174 23.56 9.51 18.03
CA LYS B 174 23.25 10.94 18.03
C LYS B 174 21.89 11.25 17.38
N SER B 175 21.64 10.68 16.20
CA SER B 175 20.45 11.00 15.42
C SER B 175 19.16 10.50 16.10
N VAL B 176 19.19 9.28 16.61
CA VAL B 176 18.05 8.72 17.33
C VAL B 176 17.76 9.56 18.58
N GLU B 177 18.82 9.97 19.27
CA GLU B 177 18.72 10.74 20.51
C GLU B 177 18.21 12.15 20.25
N THR B 178 18.51 12.69 19.08
CA THR B 178 18.00 13.99 18.66
C THR B 178 16.50 13.91 18.41
N LEU B 179 16.08 12.86 17.70
CA LEU B 179 14.65 12.62 17.53
C LEU B 179 13.95 12.50 18.88
N LEU B 180 14.51 11.74 19.81
CA LEU B 180 13.95 11.70 21.16
C LEU B 180 13.85 13.11 21.75
N ASP B 181 14.98 13.82 21.76
CA ASP B 181 15.05 15.18 22.23
C ASP B 181 13.90 16.04 21.70
N LEU B 182 13.64 15.95 20.40
CA LEU B 182 12.59 16.73 19.74
C LEU B 182 11.22 16.38 20.27
N ILE B 183 10.94 15.07 20.34
CA ILE B 183 9.68 14.56 20.87
C ILE B 183 9.45 15.09 22.28
N MET B 184 10.51 15.07 23.09
CA MET B 184 10.43 15.53 24.47
C MET B 184 10.19 17.04 24.61
N LYS B 185 10.83 17.84 23.77
CA LYS B 185 10.60 19.29 23.79
C LYS B 185 9.22 19.65 23.28
N ARG B 186 8.64 18.78 22.45
CA ARG B 186 7.31 18.95 21.91
C ARG B 186 6.28 18.59 22.96
N MET B 187 6.52 17.48 23.65
CA MET B 187 5.56 16.93 24.61
C MET B 187 5.41 17.82 25.84
N GLU B 188 6.53 18.38 26.33
CA GLU B 188 6.49 19.33 27.44
C GLU B 188 6.00 20.71 27.03
N LYS B 189 5.81 20.90 25.72
CA LYS B 189 5.15 22.08 25.19
C LYS B 189 3.68 21.82 24.85
N CYS B 190 3.22 20.59 25.08
CA CYS B 190 1.95 20.15 24.54
C CYS B 190 1.02 19.40 25.51
N VAL B 191 1.50 19.13 26.71
CA VAL B 191 0.66 18.53 27.76
C VAL B 191 1.14 18.91 29.16
N GLU B 192 0.19 18.98 30.11
CA GLU B 192 0.46 19.23 31.54
C GLU B 192 1.23 20.50 31.83
MG MG C . -12.09 -13.00 -0.32
PB GDP D . -13.77 -10.70 -0.57
O1B GDP D . -13.15 -11.80 -1.39
O2B GDP D . -12.83 -10.24 0.52
O3B GDP D . -14.11 -9.56 -1.50
O3A GDP D . -15.10 -11.16 0.19
PA GDP D . -15.72 -12.64 0.11
O1A GDP D . -15.84 -13.10 -1.32
O2A GDP D . -14.91 -13.61 0.94
O5' GDP D . -17.17 -12.42 0.72
C5' GDP D . -17.31 -11.89 2.04
C4' GDP D . -18.58 -12.49 2.63
O4' GDP D . -19.73 -11.98 1.95
C3' GDP D . -18.57 -14.01 2.45
O3' GDP D . -18.92 -14.63 3.69
C2' GDP D . -19.61 -14.30 1.39
O2' GDP D . -20.35 -15.50 1.65
C1' GDP D . -20.50 -13.07 1.42
N9 GDP D . -20.97 -12.75 0.05
C8 GDP D . -20.19 -12.58 -1.04
N7 GDP D . -20.96 -12.30 -2.12
C5 GDP D . -22.24 -12.28 -1.73
C6 GDP D . -23.57 -12.04 -2.36
O6 GDP D . -23.65 -11.78 -3.58
N1 GDP D . -24.66 -12.13 -1.58
C2 GDP D . -24.60 -12.41 -0.28
N2 GDP D . -25.74 -12.47 0.45
N3 GDP D . -23.43 -12.63 0.37
C4 GDP D . -22.24 -12.59 -0.28
MG MG E . 14.63 -4.08 5.76
PB GDP F . 16.35 -1.78 4.34
O1B GDP F . 15.48 -2.51 3.34
O2B GDP F . 16.01 -0.32 4.31
O3B GDP F . 16.09 -2.33 5.72
O3A GDP F . 17.91 -1.98 4.00
PA GDP F . 18.80 -3.12 4.72
O1A GDP F . 19.04 -2.84 6.19
O2A GDP F . 18.18 -4.48 4.53
O5' GDP F . 20.18 -3.01 3.92
C5' GDP F . 20.24 -3.20 2.51
C4' GDP F . 21.68 -3.52 2.12
O4' GDP F . 22.53 -2.42 2.43
C3' GDP F . 22.24 -4.71 2.87
O3' GDP F . 23.07 -5.45 1.98
C2' GDP F . 23.03 -4.10 4.00
O2' GDP F . 24.11 -4.93 4.43
C1' GDP F . 23.54 -2.82 3.36
N9 GDP F . 23.66 -1.72 4.33
C8 GDP F . 22.68 -1.22 5.09
N7 GDP F . 23.15 -0.21 5.86
C5 GDP F . 24.46 -0.05 5.57
C6 GDP F . 25.56 0.83 6.01
O6 GDP F . 25.35 1.70 6.86
N1 GDP F . 26.77 0.66 5.47
C2 GDP F . 27.02 -0.28 4.56
N2 GDP F . 28.27 -0.38 4.06
N3 GDP F . 26.06 -1.13 4.10
C4 GDP F . 24.79 -1.06 4.56
#